data_7TAA
#
_entry.id   7TAA
#
_cell.length_a   51.040
_cell.length_b   67.183
_cell.length_c   133.560
_cell.angle_alpha   90.00
_cell.angle_beta   90.00
_cell.angle_gamma   90.00
#
_symmetry.space_group_name_H-M   'P 21 21 21'
#
loop_
_entity.id
_entity.type
_entity.pdbx_description
1 polymer 'TAKA AMYLASE'
2 non-polymer 'MODIFIED ACARBOSE HEXASACCHARIDE'
3 non-polymer 'CALCIUM ION'
4 water water
#
_entity_poly.entity_id   1
_entity_poly.type   'polypeptide(L)'
_entity_poly.pdbx_seq_one_letter_code
;ATPADWRSQSIYFLLTDRFARTDGSTTATCNTADQKYCGGTWQGIIDKLDYIQGMGFTAIWITPVTAQLPQTTAYGDAYH
GYWQQDIYSLNENYGTADDLKALSSALHERGMYLMVDVVANHMGYDGAGSSVDYSVFKPFSSQDYFHPFCFIQNYEDQTQ
VEDCWLGDNTVSLPDLDTTKDVVKNEWYDWVGSLVSNYSIDGLRIDTVKHVQKDFWPGYNKAAGVYCIGEVLDGDPAYTC
PYQNVMDGVLNYPIYYPLLNAFKSTSGSMDDLYNMINTVKSDCPDSTLLGTFVENHDNPRFASYTNDIALAKNVAAFIIL
NDGIPIIYAGQEQHYAGGNDPANREATWLSGYPTDSELYKLIASANAIRNYAISKDTGFVTYKNWPIYKDDTTIAMRKGT
DGSQIVTILSNKGASGDSYTLSLSGAGYTAGQQLTEVIGCTTVTVGSDGNVPVPMAGGLPRVLYPTEKLAGSKICSSS
;
_entity_poly.pdbx_strand_id   A
#
loop_
_chem_comp.id
_chem_comp.type
_chem_comp.name
_chem_comp.formula
ABC saccharide 'MODIFIED ACARBOSE HEXASACCHARIDE' 'C37 H63 N O26'
CA non-polymer 'CALCIUM ION' 'Ca 2'
#
# COMPACT_ATOMS: atom_id res chain seq x y z
N ALA A 1 4.34 5.82 -15.89
CA ALA A 1 5.78 5.35 -15.64
C ALA A 1 5.76 3.86 -15.73
N THR A 2 6.87 3.15 -16.02
CA THR A 2 6.81 1.73 -16.27
C THR A 2 7.01 0.96 -14.98
N PRO A 3 6.86 -0.33 -15.05
CA PRO A 3 7.16 -1.24 -13.98
C PRO A 3 8.61 -1.06 -13.52
N ALA A 4 9.59 -0.87 -14.42
CA ALA A 4 10.97 -0.68 -13.95
C ALA A 4 11.13 0.61 -13.18
N ASP A 5 10.44 1.65 -13.62
CA ASP A 5 10.54 2.93 -12.92
C ASP A 5 9.92 2.79 -11.49
N TRP A 6 8.84 1.98 -11.44
CA TRP A 6 8.09 1.95 -10.15
C TRP A 6 8.79 1.13 -9.09
N ARG A 7 9.69 0.20 -9.44
CA ARG A 7 10.41 -0.60 -8.45
C ARG A 7 11.08 0.22 -7.35
N SER A 8 11.50 1.44 -7.65
CA SER A 8 12.25 2.25 -6.69
C SER A 8 11.41 3.22 -5.89
N GLN A 9 10.08 3.17 -6.04
CA GLN A 9 9.25 4.16 -5.35
C GLN A 9 8.82 3.67 -3.99
N SER A 10 8.26 4.53 -3.15
CA SER A 10 7.62 4.10 -1.90
C SER A 10 6.32 4.92 -1.83
N ILE A 11 5.22 4.29 -1.49
CA ILE A 11 3.89 4.92 -1.55
C ILE A 11 3.24 5.25 -0.22
N TYR A 12 2.64 6.41 -0.15
CA TYR A 12 1.79 6.86 0.95
C TYR A 12 0.32 6.81 0.43
N PHE A 13 -0.44 5.86 0.99
CA PHE A 13 -1.84 5.66 0.53
C PHE A 13 -2.78 6.46 1.45
N LEU A 14 -3.67 7.25 0.87
CA LEU A 14 -4.59 8.07 1.64
C LEU A 14 -6.00 8.06 1.02
N LEU A 15 -7.03 8.35 1.80
CA LEU A 15 -8.41 8.46 1.32
C LEU A 15 -8.59 9.99 1.22
N THR A 16 -8.91 10.40 0.01
CA THR A 16 -9.01 11.83 -0.28
C THR A 16 -9.95 12.48 0.71
N ASP A 17 -11.09 11.82 1.00
CA ASP A 17 -12.03 12.50 1.94
C ASP A 17 -11.50 12.67 3.33
N ARG A 18 -10.52 11.89 3.76
CA ARG A 18 -10.06 11.84 5.12
C ARG A 18 -8.62 12.36 5.37
N PHE A 19 -7.95 12.87 4.35
CA PHE A 19 -6.56 13.30 4.57
C PHE A 19 -6.39 14.77 4.94
N ALA A 20 -6.79 15.70 4.10
CA ALA A 20 -6.62 17.11 4.36
C ALA A 20 -7.75 17.92 3.72
N ARG A 21 -8.37 18.84 4.43
CA ARG A 21 -9.38 19.74 3.89
C ARG A 21 -8.74 20.96 3.23
N THR A 22 -9.41 21.62 2.33
CA THR A 22 -8.94 22.92 1.83
C THR A 22 -8.70 23.98 2.91
N ASP A 23 -9.48 24.09 3.96
CA ASP A 23 -9.28 25.08 5.01
C ASP A 23 -8.17 24.75 6.01
N GLY A 24 -7.45 23.66 5.80
CA GLY A 24 -6.38 23.26 6.68
C GLY A 24 -6.80 22.96 8.10
N SER A 25 -8.08 22.85 8.44
CA SER A 25 -8.45 22.52 9.82
C SER A 25 -7.90 21.23 10.37
N THR A 26 -7.55 21.21 11.65
CA THR A 26 -7.09 19.99 12.29
C THR A 26 -8.09 19.55 13.34
N THR A 27 -9.23 20.24 13.44
CA THR A 27 -10.21 19.90 14.47
C THR A 27 -11.62 19.69 13.94
N ALA A 28 -11.91 19.93 12.71
CA ALA A 28 -13.22 19.61 12.12
C ALA A 28 -13.62 18.18 12.39
N THR A 29 -14.82 17.97 12.89
CA THR A 29 -15.43 16.70 13.26
C THR A 29 -15.46 15.67 12.14
N CYS A 30 -15.08 14.45 12.46
CA CYS A 30 -15.17 13.37 11.46
C CYS A 30 -15.39 12.09 12.25
N ASN A 31 -16.66 11.85 12.57
CA ASN A 31 -16.97 10.64 13.36
C ASN A 31 -17.06 9.47 12.37
N THR A 32 -16.24 8.44 12.58
CA THR A 32 -16.22 7.44 11.50
C THR A 32 -17.54 6.71 11.44
N ALA A 33 -18.17 6.60 12.61
CA ALA A 33 -19.44 5.86 12.66
C ALA A 33 -20.52 6.50 11.81
N ASP A 34 -20.46 7.80 11.51
CA ASP A 34 -21.48 8.40 10.69
C ASP A 34 -21.35 7.98 9.24
N GLN A 35 -20.18 7.59 8.76
CA GLN A 35 -20.00 7.24 7.35
C GLN A 35 -20.36 8.33 6.37
N LYS A 36 -20.20 9.58 6.73
CA LYS A 36 -20.45 10.73 5.89
C LYS A 36 -19.21 11.32 5.22
N TYR A 37 -19.34 12.18 4.23
CA TYR A 37 -18.23 12.93 3.65
C TYR A 37 -17.70 13.85 4.78
N CYS A 38 -16.43 13.80 5.06
CA CYS A 38 -15.86 14.63 6.15
C CYS A 38 -15.22 15.90 5.62
N GLY A 39 -15.04 15.94 4.30
CA GLY A 39 -14.56 17.12 3.61
C GLY A 39 -13.17 17.19 3.02
N GLY A 40 -12.44 16.08 2.99
CA GLY A 40 -11.09 16.12 2.39
C GLY A 40 -11.13 16.50 0.92
N THR A 41 -10.08 17.16 0.40
CA THR A 41 -10.02 17.53 -0.99
C THR A 41 -8.64 17.41 -1.66
N TRP A 42 -8.61 17.42 -2.98
CA TRP A 42 -7.34 17.30 -3.71
C TRP A 42 -6.43 18.50 -3.39
N GLN A 43 -6.97 19.69 -3.24
CA GLN A 43 -6.20 20.88 -2.84
C GLN A 43 -5.56 20.68 -1.49
N GLY A 44 -6.28 20.11 -0.53
CA GLY A 44 -5.71 19.83 0.78
C GLY A 44 -4.51 18.90 0.68
N ILE A 45 -4.53 17.88 -0.16
CA ILE A 45 -3.38 17.02 -0.35
C ILE A 45 -2.17 17.90 -0.80
N ILE A 46 -2.37 18.77 -1.79
CA ILE A 46 -1.29 19.67 -2.26
C ILE A 46 -0.68 20.45 -1.11
N ASP A 47 -1.48 21.05 -0.24
CA ASP A 47 -0.95 21.81 0.88
C ASP A 47 -0.12 21.02 1.87
N LYS A 48 -0.31 19.70 1.95
CA LYS A 48 0.41 18.92 2.94
C LYS A 48 1.48 18.06 2.27
N LEU A 49 1.94 18.43 1.09
CA LEU A 49 2.94 17.59 0.42
C LEU A 49 4.27 17.53 1.18
N ASP A 50 4.63 18.58 1.92
CA ASP A 50 5.83 18.59 2.70
C ASP A 50 5.70 17.58 3.85
N TYR A 51 4.50 17.42 4.38
CA TYR A 51 4.29 16.46 5.46
C TYR A 51 4.62 15.06 4.91
N ILE A 52 4.08 14.80 3.73
CA ILE A 52 4.29 13.48 3.12
C ILE A 52 5.73 13.19 2.68
N GLN A 53 6.35 14.04 1.86
CA GLN A 53 7.71 13.92 1.40
C GLN A 53 8.75 13.85 2.52
N GLY A 54 8.46 14.55 3.62
CA GLY A 54 9.32 14.57 4.78
C GLY A 54 9.46 13.20 5.41
N MET A 55 8.53 12.27 5.11
CA MET A 55 8.75 10.92 5.59
C MET A 55 9.62 10.12 4.59
N GLY A 56 9.92 10.72 3.45
CA GLY A 56 10.71 10.11 2.40
C GLY A 56 9.92 9.29 1.40
N PHE A 57 8.59 9.51 1.30
CA PHE A 57 7.81 8.81 0.27
C PHE A 57 8.07 9.43 -1.08
N THR A 58 8.01 8.63 -2.14
CA THR A 58 8.22 9.21 -3.45
C THR A 58 6.92 9.20 -4.26
N ALA A 59 5.81 8.75 -3.67
CA ALA A 59 4.56 8.62 -4.42
C ALA A 59 3.35 8.58 -3.50
N ILE A 60 2.16 8.88 -4.06
CA ILE A 60 0.95 8.69 -3.25
C ILE A 60 -0.10 7.89 -4.05
N TRP A 61 -0.90 7.07 -3.36
CA TRP A 61 -2.03 6.36 -3.96
C TRP A 61 -3.30 7.04 -3.40
N ILE A 62 -4.24 7.57 -4.21
CA ILE A 62 -5.45 8.22 -3.79
C ILE A 62 -6.70 7.42 -4.24
N THR A 63 -7.79 7.40 -3.44
CA THR A 63 -8.99 6.57 -3.77
C THR A 63 -9.71 7.11 -4.99
N PRO A 64 -10.70 6.42 -5.57
CA PRO A 64 -11.27 6.67 -6.86
C PRO A 64 -11.83 8.06 -7.08
N VAL A 65 -11.65 8.55 -8.30
CA VAL A 65 -12.03 9.92 -8.62
C VAL A 65 -13.39 10.14 -9.30
N THR A 66 -13.96 9.08 -9.86
CA THR A 66 -15.18 9.21 -10.65
C THR A 66 -16.44 9.69 -9.91
N ALA A 67 -17.42 10.30 -10.60
CA ALA A 67 -18.67 10.75 -9.92
C ALA A 67 -19.47 9.55 -9.37
N GLN A 68 -19.92 9.70 -8.14
CA GLN A 68 -20.59 8.62 -7.38
C GLN A 68 -22.12 8.78 -7.31
N LEU A 69 -22.82 7.78 -6.83
CA LEU A 69 -24.26 7.87 -6.45
C LEU A 69 -24.36 9.04 -5.47
N PRO A 70 -25.33 9.92 -5.57
CA PRO A 70 -25.46 11.13 -4.78
C PRO A 70 -26.06 10.95 -3.39
N GLN A 71 -26.80 9.85 -3.21
CA GLN A 71 -27.49 9.67 -1.93
C GLN A 71 -26.66 9.43 -0.71
N THR A 72 -27.25 9.76 0.46
CA THR A 72 -26.78 9.24 1.72
C THR A 72 -27.47 7.89 1.90
N THR A 73 -26.76 6.77 1.70
CA THR A 73 -27.44 5.48 1.84
C THR A 73 -27.52 5.05 3.30
N ALA A 74 -28.14 3.90 3.59
CA ALA A 74 -28.11 3.31 4.91
C ALA A 74 -26.67 2.97 5.35
N TYR A 75 -25.70 2.90 4.44
CA TYR A 75 -24.30 2.68 4.80
C TYR A 75 -23.53 4.00 4.69
N GLY A 76 -24.21 5.13 4.59
CA GLY A 76 -23.57 6.41 4.52
C GLY A 76 -23.32 6.89 3.07
N ASP A 77 -22.52 7.96 3.00
CA ASP A 77 -22.17 8.59 1.74
C ASP A 77 -21.09 7.83 0.98
N ALA A 78 -20.90 8.06 -0.33
CA ALA A 78 -19.84 7.32 -1.08
C ALA A 78 -18.49 8.05 -0.92
N TYR A 79 -18.12 8.41 0.29
CA TYR A 79 -16.91 9.17 0.57
C TYR A 79 -15.63 8.46 0.09
N HIS A 80 -15.64 7.15 0.07
CA HIS A 80 -14.51 6.32 -0.27
C HIS A 80 -14.23 6.19 -1.76
N GLY A 81 -15.16 6.59 -2.62
CA GLY A 81 -15.08 6.56 -4.05
C GLY A 81 -15.38 5.25 -4.75
N TYR A 82 -15.85 4.19 -4.06
CA TYR A 82 -16.03 2.93 -4.74
C TYR A 82 -17.43 2.68 -5.32
N TRP A 83 -18.30 3.67 -5.22
CA TRP A 83 -19.69 3.42 -5.75
C TRP A 83 -19.99 4.33 -6.94
N GLN A 84 -19.33 4.18 -8.10
CA GLN A 84 -19.50 5.15 -9.18
C GLN A 84 -20.82 4.97 -9.98
N GLN A 85 -21.25 6.08 -10.57
CA GLN A 85 -22.38 6.11 -11.45
C GLN A 85 -22.02 6.76 -12.78
N ASP A 86 -21.16 7.75 -12.84
CA ASP A 86 -20.80 8.42 -14.09
C ASP A 86 -19.27 8.43 -14.26
N ILE A 87 -18.74 7.53 -15.08
CA ILE A 87 -17.26 7.47 -15.25
C ILE A 87 -16.67 8.61 -16.06
N TYR A 88 -17.51 9.46 -16.69
CA TYR A 88 -16.98 10.60 -17.44
C TYR A 88 -16.98 11.87 -16.64
N SER A 89 -17.32 11.78 -15.34
CA SER A 89 -17.25 13.04 -14.56
C SER A 89 -16.56 12.74 -13.25
N LEU A 90 -16.13 13.77 -12.56
CA LEU A 90 -15.38 13.64 -11.34
C LEU A 90 -16.27 13.86 -10.13
N ASN A 91 -15.92 13.33 -8.99
CA ASN A 91 -16.58 13.51 -7.73
C ASN A 91 -16.27 14.95 -7.33
N GLU A 92 -17.24 15.84 -7.35
CA GLU A 92 -17.15 17.23 -7.03
C GLU A 92 -16.89 17.49 -5.58
N ASN A 93 -17.10 16.51 -4.71
CA ASN A 93 -16.80 16.75 -3.31
C ASN A 93 -15.28 16.98 -3.13
N TYR A 94 -14.43 16.48 -4.00
CA TYR A 94 -12.97 16.62 -3.84
C TYR A 94 -12.34 17.80 -4.58
N GLY A 95 -13.09 18.42 -5.49
CA GLY A 95 -12.58 19.60 -6.22
C GLY A 95 -12.92 19.51 -7.69
N THR A 96 -12.27 20.26 -8.57
CA THR A 96 -12.55 20.19 -10.00
C THR A 96 -11.47 19.45 -10.79
N ALA A 97 -11.68 19.29 -12.08
CA ALA A 97 -10.70 18.69 -12.98
C ALA A 97 -9.35 19.44 -12.89
N ASP A 98 -9.51 20.76 -12.69
CA ASP A 98 -8.25 21.54 -12.59
C ASP A 98 -7.48 21.24 -11.33
N ASP A 99 -8.18 20.94 -10.25
CA ASP A 99 -7.57 20.62 -8.96
C ASP A 99 -6.80 19.31 -9.10
N LEU A 100 -7.45 18.33 -9.73
CA LEU A 100 -6.83 17.04 -9.98
C LEU A 100 -5.54 17.21 -10.82
N LYS A 101 -5.63 18.06 -11.84
CA LYS A 101 -4.47 18.36 -12.69
C LYS A 101 -3.43 19.09 -11.85
N ALA A 102 -3.88 20.03 -11.02
CA ALA A 102 -2.93 20.75 -10.19
C ALA A 102 -2.16 19.77 -9.32
N LEU A 103 -2.87 18.73 -8.81
CA LEU A 103 -2.25 17.78 -7.94
C LEU A 103 -1.11 17.05 -8.63
N SER A 104 -1.38 16.49 -9.81
CA SER A 104 -0.41 15.74 -10.59
C SER A 104 0.83 16.61 -10.86
N SER A 105 0.59 17.88 -11.21
CA SER A 105 1.77 18.72 -11.52
C SER A 105 2.49 19.14 -10.25
N ALA A 106 1.87 19.28 -9.08
CA ALA A 106 2.57 19.57 -7.84
C ALA A 106 3.40 18.35 -7.40
N LEU A 107 2.91 17.14 -7.62
CA LEU A 107 3.68 15.95 -7.34
C LEU A 107 4.93 15.88 -8.25
N HIS A 108 4.74 16.02 -9.54
CA HIS A 108 5.77 15.93 -10.57
C HIS A 108 6.88 16.95 -10.37
N GLU A 109 6.53 18.13 -9.91
CA GLU A 109 7.51 19.16 -9.65
C GLU A 109 8.51 18.77 -8.58
N ARG A 110 8.06 17.96 -7.65
CA ARG A 110 8.86 17.50 -6.52
C ARG A 110 9.54 16.19 -6.79
N GLY A 111 9.47 15.72 -8.01
CA GLY A 111 10.03 14.45 -8.44
C GLY A 111 9.21 13.25 -7.89
N MET A 112 7.94 13.43 -7.57
CA MET A 112 7.08 12.39 -7.00
C MET A 112 6.09 11.88 -8.03
N TYR A 113 5.52 10.69 -7.86
CA TYR A 113 4.58 10.08 -8.75
C TYR A 113 3.13 10.10 -8.18
N LEU A 114 2.15 10.09 -9.07
CA LEU A 114 0.75 9.99 -8.73
C LEU A 114 0.20 8.62 -9.16
N MET A 115 -0.43 7.88 -8.23
CA MET A 115 -1.08 6.62 -8.55
C MET A 115 -2.60 6.81 -8.22
N VAL A 116 -3.48 6.36 -9.10
CA VAL A 116 -4.91 6.53 -8.91
C VAL A 116 -5.58 5.17 -8.88
N ASP A 117 -6.50 5.04 -7.89
CA ASP A 117 -7.32 3.83 -7.73
C ASP A 117 -8.47 3.79 -8.74
N VAL A 118 -8.66 2.64 -9.40
CA VAL A 118 -9.76 2.60 -10.39
C VAL A 118 -10.59 1.33 -10.23
N VAL A 119 -11.89 1.41 -10.56
CA VAL A 119 -12.80 0.29 -10.51
C VAL A 119 -13.37 -0.04 -11.90
N ALA A 120 -13.26 -1.24 -12.36
CA ALA A 120 -13.85 -1.64 -13.64
C ALA A 120 -14.95 -2.68 -13.41
N ASN A 121 -14.94 -3.30 -12.24
CA ASN A 121 -15.85 -4.37 -11.92
C ASN A 121 -17.34 -3.97 -11.85
N HIS A 122 -17.62 -2.81 -11.26
CA HIS A 122 -19.02 -2.46 -10.99
C HIS A 122 -19.29 -0.99 -10.77
N MET A 123 -20.58 -0.69 -10.72
CA MET A 123 -21.09 0.66 -10.47
C MET A 123 -21.72 0.64 -9.07
N GLY A 124 -22.36 1.67 -8.57
CA GLY A 124 -22.94 1.63 -7.22
C GLY A 124 -24.41 2.11 -7.32
N TYR A 125 -25.30 1.66 -6.44
CA TYR A 125 -26.72 2.04 -6.52
C TYR A 125 -27.38 2.07 -5.15
N ASP A 126 -28.13 3.08 -4.81
CA ASP A 126 -28.80 3.12 -3.49
C ASP A 126 -30.05 2.24 -3.49
N GLY A 127 -30.00 0.94 -3.19
CA GLY A 127 -31.24 0.15 -3.15
C GLY A 127 -31.00 -1.30 -3.54
N ALA A 128 -32.06 -2.11 -3.53
CA ALA A 128 -31.99 -3.52 -3.83
C ALA A 128 -31.65 -3.83 -5.28
N GLY A 129 -31.00 -4.99 -5.48
CA GLY A 129 -30.57 -5.48 -6.78
C GLY A 129 -31.71 -5.56 -7.77
N SER A 130 -32.86 -6.11 -7.34
CA SER A 130 -33.96 -6.21 -8.29
C SER A 130 -34.46 -4.85 -8.77
N SER A 131 -34.36 -3.86 -7.90
CA SER A 131 -34.99 -2.59 -8.20
C SER A 131 -34.12 -1.59 -8.91
N VAL A 132 -32.95 -1.98 -9.44
CA VAL A 132 -32.09 -0.99 -10.08
C VAL A 132 -32.68 -0.35 -11.33
N ASP A 133 -32.46 0.94 -11.47
CA ASP A 133 -32.80 1.73 -12.62
C ASP A 133 -31.48 2.02 -13.39
N TYR A 134 -31.24 1.26 -14.45
CA TYR A 134 -30.01 1.29 -15.23
C TYR A 134 -29.78 2.58 -16.00
N SER A 135 -30.85 3.34 -16.13
CA SER A 135 -30.74 4.62 -16.83
C SER A 135 -29.86 5.63 -16.09
N VAL A 136 -29.61 5.51 -14.79
CA VAL A 136 -28.72 6.46 -14.12
C VAL A 136 -27.23 6.30 -14.41
N PHE A 137 -26.80 5.17 -14.95
CA PHE A 137 -25.36 4.98 -15.20
C PHE A 137 -24.88 5.56 -16.52
N LYS A 138 -23.67 6.13 -16.55
CA LYS A 138 -23.07 6.70 -17.75
C LYS A 138 -21.63 6.17 -17.89
N PRO A 139 -21.38 5.52 -19.00
CA PRO A 139 -22.31 5.44 -20.11
C PRO A 139 -23.12 4.18 -20.17
N PHE A 140 -23.04 3.26 -19.23
CA PHE A 140 -23.63 1.93 -19.34
C PHE A 140 -25.09 1.91 -18.91
N SER A 141 -25.88 2.65 -19.64
CA SER A 141 -27.28 2.94 -19.41
C SER A 141 -28.28 1.84 -19.63
N SER A 142 -27.93 0.58 -19.61
CA SER A 142 -28.94 -0.44 -19.90
C SER A 142 -28.63 -1.68 -19.13
N GLN A 143 -29.62 -2.52 -18.83
CA GLN A 143 -29.27 -3.73 -18.09
C GLN A 143 -28.45 -4.68 -18.97
N ASP A 144 -28.44 -4.48 -20.28
CA ASP A 144 -27.72 -5.43 -21.13
C ASP A 144 -26.20 -5.36 -20.97
N TYR A 145 -25.66 -4.26 -20.45
CA TYR A 145 -24.22 -4.23 -20.17
C TYR A 145 -23.91 -5.01 -18.90
N PHE A 146 -24.90 -5.50 -18.14
CA PHE A 146 -24.53 -6.07 -16.86
C PHE A 146 -24.83 -7.54 -16.74
N HIS A 147 -24.23 -8.19 -15.75
CA HIS A 147 -24.57 -9.57 -15.48
C HIS A 147 -25.93 -9.63 -14.77
N PRO A 148 -26.70 -10.64 -15.06
CA PRO A 148 -27.97 -10.92 -14.39
C PRO A 148 -27.75 -10.88 -12.88
N PHE A 149 -28.71 -10.31 -12.15
CA PHE A 149 -28.57 -10.18 -10.71
C PHE A 149 -28.45 -11.45 -9.93
N CYS A 150 -27.40 -11.59 -9.14
CA CYS A 150 -27.20 -12.66 -8.19
C CYS A 150 -26.17 -12.15 -7.17
N PHE A 151 -26.22 -12.58 -5.93
CA PHE A 151 -25.23 -12.17 -4.93
C PHE A 151 -24.16 -13.25 -4.88
N ILE A 152 -22.99 -13.00 -4.29
CA ILE A 152 -21.92 -13.99 -4.22
C ILE A 152 -22.15 -14.75 -2.93
N GLN A 153 -22.54 -16.02 -3.06
CA GLN A 153 -22.82 -16.82 -1.88
C GLN A 153 -21.57 -17.60 -1.45
N ASN A 154 -20.87 -18.18 -2.40
CA ASN A 154 -19.71 -19.03 -2.19
C ASN A 154 -18.42 -18.44 -2.77
N TYR A 155 -17.55 -17.87 -1.96
CA TYR A 155 -16.32 -17.23 -2.48
C TYR A 155 -15.32 -18.24 -2.99
N GLU A 156 -15.62 -19.53 -2.91
CA GLU A 156 -14.72 -20.57 -3.39
C GLU A 156 -15.06 -21.00 -4.79
N ASP A 157 -16.23 -20.54 -5.22
CA ASP A 157 -16.71 -20.79 -6.57
C ASP A 157 -16.29 -19.60 -7.41
N GLN A 158 -15.27 -19.75 -8.23
CA GLN A 158 -14.74 -18.61 -8.97
C GLN A 158 -15.79 -18.02 -9.91
N THR A 159 -16.71 -18.87 -10.37
CA THR A 159 -17.71 -18.43 -11.36
C THR A 159 -18.64 -17.39 -10.75
N GLN A 160 -19.16 -17.68 -9.58
CA GLN A 160 -19.98 -16.76 -8.80
C GLN A 160 -19.20 -15.47 -8.48
N VAL A 161 -17.95 -15.70 -8.08
CA VAL A 161 -17.09 -14.57 -7.73
C VAL A 161 -16.94 -13.58 -8.84
N GLU A 162 -16.84 -13.99 -10.09
CA GLU A 162 -16.71 -13.12 -11.23
C GLU A 162 -18.04 -12.64 -11.82
N ASP A 163 -19.04 -13.56 -11.82
CA ASP A 163 -20.30 -13.17 -12.50
C ASP A 163 -21.40 -12.67 -11.58
N CYS A 164 -21.34 -12.89 -10.27
CA CYS A 164 -22.42 -12.36 -9.43
C CYS A 164 -21.95 -11.00 -8.85
N TRP A 165 -22.86 -10.34 -8.15
CA TRP A 165 -22.71 -8.97 -7.70
C TRP A 165 -22.10 -8.86 -6.34
N LEU A 166 -21.17 -7.92 -6.15
CA LEU A 166 -20.71 -7.69 -4.79
C LEU A 166 -21.79 -6.87 -4.08
N GLY A 167 -21.72 -6.58 -2.80
CA GLY A 167 -22.61 -5.74 -2.05
C GLY A 167 -23.84 -6.49 -1.56
N ASP A 168 -24.95 -5.80 -1.34
CA ASP A 168 -26.14 -6.47 -0.84
C ASP A 168 -27.42 -5.74 -1.25
N ASN A 169 -28.49 -6.00 -0.52
CA ASN A 169 -29.83 -5.49 -0.65
C ASN A 169 -29.97 -4.03 -0.22
N THR A 170 -28.99 -3.53 0.54
CA THR A 170 -28.95 -2.15 1.04
C THR A 170 -28.23 -1.23 0.07
N VAL A 171 -26.95 -1.59 -0.20
CA VAL A 171 -26.21 -0.86 -1.24
C VAL A 171 -25.77 -1.94 -2.26
N SER A 172 -26.32 -1.88 -3.47
CA SER A 172 -26.05 -2.97 -4.41
C SER A 172 -25.01 -2.54 -5.44
N LEU A 173 -24.18 -3.46 -5.93
CA LEU A 173 -23.11 -3.02 -6.85
C LEU A 173 -23.27 -3.71 -8.19
N PRO A 174 -24.01 -3.15 -9.10
CA PRO A 174 -24.32 -3.76 -10.38
C PRO A 174 -23.02 -4.14 -11.12
N ASP A 175 -22.94 -5.40 -11.47
CA ASP A 175 -21.72 -6.02 -12.02
C ASP A 175 -21.65 -6.02 -13.51
N LEU A 176 -20.66 -5.33 -14.06
CA LEU A 176 -20.55 -5.26 -15.51
C LEU A 176 -20.17 -6.61 -16.15
N ASP A 177 -20.80 -6.86 -17.29
CA ASP A 177 -20.47 -8.10 -18.03
C ASP A 177 -19.20 -7.78 -18.81
N THR A 178 -18.05 -8.00 -18.14
CA THR A 178 -16.76 -7.68 -18.76
C THR A 178 -16.32 -8.68 -19.85
N THR A 179 -17.11 -9.66 -20.21
CA THR A 179 -16.88 -10.55 -21.32
C THR A 179 -17.51 -9.99 -22.60
N LYS A 180 -18.29 -8.93 -22.56
CA LYS A 180 -18.89 -8.36 -23.76
C LYS A 180 -17.90 -7.38 -24.39
N ASP A 181 -17.78 -7.37 -25.72
CA ASP A 181 -16.83 -6.44 -26.35
C ASP A 181 -17.16 -4.99 -26.18
N VAL A 182 -18.44 -4.60 -26.06
CA VAL A 182 -18.71 -3.18 -25.86
C VAL A 182 -18.13 -2.74 -24.49
N VAL A 183 -18.23 -3.68 -23.55
CA VAL A 183 -17.78 -3.28 -22.20
C VAL A 183 -16.26 -3.14 -22.24
N LYS A 184 -15.61 -4.16 -22.78
CA LYS A 184 -14.14 -4.12 -22.89
C LYS A 184 -13.68 -2.86 -23.61
N ASN A 185 -14.24 -2.67 -24.81
CA ASN A 185 -13.86 -1.50 -25.59
C ASN A 185 -14.03 -0.19 -24.84
N GLU A 186 -15.16 0.01 -24.15
CA GLU A 186 -15.34 1.27 -23.43
C GLU A 186 -14.30 1.47 -22.31
N TRP A 187 -14.09 0.40 -21.56
CA TRP A 187 -13.12 0.51 -20.45
C TRP A 187 -11.71 0.73 -20.97
N TYR A 188 -11.32 0.06 -22.09
CA TYR A 188 -9.96 0.23 -22.59
C TYR A 188 -9.73 1.66 -23.07
N ASP A 189 -10.74 2.26 -23.70
CA ASP A 189 -10.67 3.64 -24.18
C ASP A 189 -10.70 4.64 -23.03
N TRP A 190 -11.48 4.31 -21.98
CA TRP A 190 -11.50 5.29 -20.85
C TRP A 190 -10.17 5.32 -20.10
N VAL A 191 -9.64 4.09 -19.87
CA VAL A 191 -8.44 4.05 -19.01
C VAL A 191 -7.26 4.78 -19.65
N GLY A 192 -7.07 4.64 -20.97
CA GLY A 192 -6.01 5.39 -21.61
C GLY A 192 -6.19 6.90 -21.56
N SER A 193 -7.43 7.39 -21.75
CA SER A 193 -7.78 8.76 -21.64
C SER A 193 -7.64 9.35 -20.26
N LEU A 194 -7.98 8.54 -19.24
CA LEU A 194 -7.89 9.11 -17.87
C LEU A 194 -6.41 9.37 -17.55
N VAL A 195 -5.62 8.37 -17.94
CA VAL A 195 -4.18 8.45 -17.70
C VAL A 195 -3.62 9.65 -18.47
N SER A 196 -4.01 9.81 -19.74
CA SER A 196 -3.34 10.92 -20.45
C SER A 196 -3.88 12.24 -19.98
N ASN A 197 -5.16 12.34 -19.61
CA ASN A 197 -5.70 13.62 -19.20
C ASN A 197 -5.19 14.19 -17.90
N TYR A 198 -4.83 13.37 -16.93
CA TYR A 198 -4.43 13.85 -15.61
C TYR A 198 -2.95 13.56 -15.34
N SER A 199 -2.26 13.04 -16.35
CA SER A 199 -0.84 12.66 -16.28
C SER A 199 -0.62 11.75 -15.09
N ILE A 200 -1.33 10.63 -15.07
CA ILE A 200 -1.18 9.71 -13.96
C ILE A 200 0.03 8.83 -14.21
N ASP A 201 0.83 8.54 -13.19
CA ASP A 201 2.01 7.67 -13.35
C ASP A 201 1.82 6.19 -13.16
N GLY A 202 0.81 5.68 -12.46
CA GLY A 202 0.58 4.30 -12.20
C GLY A 202 -0.88 4.14 -11.63
N LEU A 203 -1.39 2.92 -11.71
CA LEU A 203 -2.77 2.70 -11.24
C LEU A 203 -2.87 1.60 -10.20
N ARG A 204 -3.73 1.78 -9.19
CA ARG A 204 -4.08 0.66 -8.29
C ARG A 204 -5.46 0.16 -8.77
N ILE A 205 -5.60 -1.11 -9.15
CA ILE A 205 -6.89 -1.58 -9.71
C ILE A 205 -7.66 -2.35 -8.67
N ASP A 206 -8.90 -1.88 -8.38
CA ASP A 206 -9.77 -2.57 -7.39
C ASP A 206 -10.29 -3.88 -7.95
N THR A 207 -10.80 -4.71 -7.10
CA THR A 207 -11.56 -5.91 -7.32
C THR A 207 -11.10 -6.78 -8.47
N VAL A 208 -9.79 -7.01 -8.62
CA VAL A 208 -9.25 -7.80 -9.75
C VAL A 208 -9.73 -9.24 -9.69
N LYS A 209 -9.90 -9.94 -8.55
CA LYS A 209 -10.34 -11.33 -8.71
C LYS A 209 -11.81 -11.43 -9.17
N HIS A 210 -12.50 -10.31 -9.23
CA HIS A 210 -13.93 -10.38 -9.57
C HIS A 210 -14.18 -10.17 -11.06
N VAL A 211 -13.15 -10.07 -11.87
CA VAL A 211 -13.25 -9.88 -13.32
C VAL A 211 -12.42 -10.97 -14.01
N GLN A 212 -12.95 -11.61 -15.06
CA GLN A 212 -12.22 -12.78 -15.63
C GLN A 212 -10.81 -12.41 -16.03
N LYS A 213 -9.83 -13.31 -15.80
CA LYS A 213 -8.44 -12.99 -16.11
C LYS A 213 -8.17 -12.38 -17.47
N ASP A 214 -8.86 -12.87 -18.49
CA ASP A 214 -8.52 -12.41 -19.84
C ASP A 214 -8.88 -10.97 -20.08
N PHE A 215 -9.66 -10.33 -19.16
CA PHE A 215 -9.91 -8.90 -19.42
C PHE A 215 -8.62 -8.12 -19.15
N TRP A 216 -7.84 -8.48 -18.15
CA TRP A 216 -6.76 -7.59 -17.68
C TRP A 216 -5.59 -7.23 -18.57
N PRO A 217 -5.06 -8.15 -19.37
CA PRO A 217 -3.90 -7.89 -20.22
C PRO A 217 -4.14 -6.70 -21.10
N GLY A 218 -5.35 -6.62 -21.74
CA GLY A 218 -5.63 -5.43 -22.57
C GLY A 218 -5.90 -4.16 -21.73
N TYR A 219 -6.40 -4.24 -20.49
CA TYR A 219 -6.56 -3.01 -19.70
C TYR A 219 -5.17 -2.43 -19.34
N ASN A 220 -4.28 -3.30 -18.87
CA ASN A 220 -2.91 -2.88 -18.50
C ASN A 220 -2.18 -2.22 -19.66
N LYS A 221 -2.35 -2.79 -20.83
CA LYS A 221 -1.77 -2.22 -22.05
C LYS A 221 -2.45 -0.93 -22.44
N ALA A 222 -3.80 -0.88 -22.36
CA ALA A 222 -4.42 0.41 -22.72
C ALA A 222 -3.96 1.50 -21.76
N ALA A 223 -3.77 1.16 -20.50
CA ALA A 223 -3.42 2.21 -19.52
C ALA A 223 -2.04 2.80 -19.79
N GLY A 224 -1.18 1.92 -20.34
CA GLY A 224 0.20 2.27 -20.67
C GLY A 224 1.12 2.59 -19.51
N VAL A 225 0.78 2.22 -18.27
CA VAL A 225 1.62 2.57 -17.13
C VAL A 225 1.58 1.38 -16.19
N TYR A 226 2.44 1.31 -15.17
CA TYR A 226 2.39 0.23 -14.21
C TYR A 226 0.99 0.10 -13.56
N CYS A 227 0.45 -1.11 -13.49
CA CYS A 227 -0.80 -1.39 -12.82
C CYS A 227 -0.52 -2.34 -11.66
N ILE A 228 -0.92 -1.96 -10.42
CA ILE A 228 -0.85 -2.90 -9.32
C ILE A 228 -2.27 -3.32 -8.94
N GLY A 229 -2.57 -4.63 -8.94
CA GLY A 229 -3.90 -5.13 -8.70
C GLY A 229 -4.27 -5.56 -7.30
N GLU A 230 -5.54 -5.28 -6.89
CA GLU A 230 -5.99 -5.83 -5.60
C GLU A 230 -6.63 -7.19 -5.81
N VAL A 231 -5.97 -8.26 -5.35
CA VAL A 231 -6.53 -9.61 -5.34
C VAL A 231 -6.59 -10.03 -3.88
N LEU A 232 -7.76 -9.87 -3.24
CA LEU A 232 -7.80 -10.16 -1.80
C LEU A 232 -7.84 -11.63 -1.49
N ASP A 233 -6.63 -12.19 -1.43
CA ASP A 233 -6.48 -13.61 -1.08
C ASP A 233 -5.05 -13.88 -0.56
N GLY A 234 -4.98 -14.62 0.53
CA GLY A 234 -3.73 -14.88 1.24
C GLY A 234 -2.93 -16.04 0.67
N ASP A 235 -3.53 -16.77 -0.26
CA ASP A 235 -2.88 -17.92 -0.87
C ASP A 235 -2.04 -17.51 -2.06
N PRO A 236 -0.73 -17.71 -1.99
CA PRO A 236 0.17 -17.34 -3.07
C PRO A 236 -0.10 -18.14 -4.35
N ALA A 237 -0.59 -19.36 -4.24
CA ALA A 237 -1.01 -20.15 -5.44
C ALA A 237 -2.26 -19.59 -6.11
N TYR A 238 -3.05 -18.74 -5.44
CA TYR A 238 -4.19 -18.08 -6.10
C TYR A 238 -3.87 -16.68 -6.59
N THR A 239 -3.13 -15.91 -5.80
CA THR A 239 -2.89 -14.49 -6.13
C THR A 239 -1.77 -14.16 -7.10
N CYS A 240 -0.61 -14.81 -6.89
CA CYS A 240 0.56 -14.67 -7.75
C CYS A 240 0.33 -14.87 -9.24
N PRO A 241 -0.43 -15.87 -9.62
CA PRO A 241 -0.74 -16.12 -11.02
C PRO A 241 -1.39 -14.92 -11.66
N TYR A 242 -1.94 -13.96 -10.88
CA TYR A 242 -2.47 -12.74 -11.48
C TYR A 242 -1.37 -11.87 -12.04
N GLN A 243 -0.15 -12.18 -11.61
CA GLN A 243 1.02 -11.44 -12.15
C GLN A 243 1.28 -11.91 -13.58
N ASN A 244 0.56 -12.94 -14.07
CA ASN A 244 0.70 -13.27 -15.49
C ASN A 244 -0.21 -12.42 -16.35
N VAL A 245 -1.12 -11.64 -15.76
CA VAL A 245 -2.02 -10.81 -16.55
C VAL A 245 -1.97 -9.33 -16.19
N MET A 246 -1.13 -8.93 -15.25
CA MET A 246 -0.98 -7.54 -14.85
C MET A 246 0.43 -7.36 -14.24
N ASP A 247 0.97 -6.17 -14.23
CA ASP A 247 2.36 -5.92 -13.81
C ASP A 247 2.63 -6.43 -12.40
N GLY A 248 1.77 -6.04 -11.44
CA GLY A 248 1.93 -6.43 -10.07
C GLY A 248 0.54 -6.54 -9.36
N VAL A 249 0.61 -7.11 -8.18
CA VAL A 249 -0.45 -7.26 -7.25
C VAL A 249 0.00 -6.83 -5.85
N LEU A 250 -1.00 -6.50 -5.05
CA LEU A 250 -0.77 -6.18 -3.64
C LEU A 250 -0.33 -7.42 -2.94
N ASN A 251 0.62 -7.35 -2.00
CA ASN A 251 1.11 -8.57 -1.39
C ASN A 251 0.30 -9.07 -0.19
N TYR A 252 -0.94 -9.54 -0.46
CA TYR A 252 -1.76 -10.20 0.55
C TYR A 252 -1.16 -11.50 1.06
N PRO A 253 -0.46 -12.31 0.27
CA PRO A 253 0.21 -13.49 0.76
C PRO A 253 1.13 -13.17 1.94
N ILE A 254 1.98 -12.13 1.92
CA ILE A 254 2.87 -11.77 3.01
C ILE A 254 2.15 -11.07 4.16
N TYR A 255 1.06 -10.34 3.86
CA TYR A 255 0.30 -9.64 4.88
C TYR A 255 -0.07 -10.48 6.07
N TYR A 256 -0.71 -11.66 5.89
CA TYR A 256 -1.14 -12.46 7.03
C TYR A 256 0.00 -12.85 7.95
N PRO A 257 1.08 -13.48 7.47
CA PRO A 257 2.21 -13.90 8.29
C PRO A 257 2.99 -12.76 8.91
N LEU A 258 3.08 -11.66 8.17
CA LEU A 258 3.72 -10.46 8.69
C LEU A 258 2.96 -9.89 9.88
N LEU A 259 1.63 -9.73 9.75
CA LEU A 259 0.84 -9.22 10.91
C LEU A 259 0.95 -10.17 12.09
N ASN A 260 0.88 -11.50 11.86
CA ASN A 260 0.89 -12.48 12.93
C ASN A 260 2.24 -12.51 13.66
N ALA A 261 3.30 -12.21 12.89
CA ALA A 261 4.65 -12.24 13.53
C ALA A 261 4.86 -11.09 14.48
N PHE A 262 4.29 -9.93 14.14
CA PHE A 262 4.56 -8.76 14.99
C PHE A 262 3.41 -8.27 15.86
N LYS A 263 2.22 -8.88 15.74
CA LYS A 263 1.12 -8.36 16.57
C LYS A 263 1.21 -8.82 18.00
N SER A 264 2.06 -9.82 18.27
CA SER A 264 2.28 -10.12 19.69
C SER A 264 3.71 -10.57 19.92
N THR A 265 4.14 -10.63 21.16
CA THR A 265 5.48 -11.12 21.49
C THR A 265 5.60 -12.61 21.32
N SER A 266 4.47 -13.26 21.01
CA SER A 266 4.52 -14.69 20.70
C SER A 266 4.33 -14.96 19.21
N GLY A 267 4.33 -13.96 18.35
CA GLY A 267 4.13 -14.18 16.91
C GLY A 267 5.14 -15.12 16.28
N SER A 268 4.79 -15.85 15.23
CA SER A 268 5.72 -16.78 14.58
C SER A 268 6.66 -16.21 13.53
N MET A 269 7.97 -16.15 13.78
CA MET A 269 8.98 -15.79 12.77
C MET A 269 9.09 -16.84 11.66
N ASP A 270 8.84 -18.10 11.96
CA ASP A 270 8.84 -19.20 10.99
C ASP A 270 7.89 -19.06 9.83
N ASP A 271 6.64 -18.65 10.15
CA ASP A 271 5.66 -18.51 9.06
C ASP A 271 6.10 -17.35 8.18
N LEU A 272 6.71 -16.31 8.81
CA LEU A 272 7.09 -15.18 7.94
C LEU A 272 8.27 -15.54 7.04
N TYR A 273 9.29 -16.15 7.68
CA TYR A 273 10.46 -16.62 6.88
C TYR A 273 10.01 -17.51 5.74
N ASN A 274 9.17 -18.51 6.00
CA ASN A 274 8.76 -19.39 4.90
C ASN A 274 8.00 -18.68 3.81
N MET A 275 7.09 -17.74 4.14
CA MET A 275 6.36 -17.04 3.08
C MET A 275 7.29 -16.14 2.28
N ILE A 276 8.29 -15.49 2.90
CA ILE A 276 9.22 -14.66 2.08
C ILE A 276 9.83 -15.49 0.94
N ASN A 277 10.26 -16.67 1.35
CA ASN A 277 10.88 -17.62 0.42
C ASN A 277 9.90 -18.14 -0.63
N THR A 278 8.64 -18.38 -0.21
CA THR A 278 7.67 -18.91 -1.17
C THR A 278 7.35 -17.89 -2.23
N VAL A 279 7.13 -16.66 -1.75
CA VAL A 279 6.79 -15.62 -2.74
C VAL A 279 7.95 -15.39 -3.68
N LYS A 280 9.16 -15.48 -3.13
CA LYS A 280 10.41 -15.27 -3.90
C LYS A 280 10.59 -16.26 -5.06
N SER A 281 10.33 -17.51 -4.77
CA SER A 281 10.38 -18.57 -5.75
C SER A 281 9.12 -18.67 -6.64
N ASP A 282 7.93 -18.46 -6.07
CA ASP A 282 6.70 -18.76 -6.79
C ASP A 282 5.95 -17.65 -7.47
N CYS A 283 6.19 -16.39 -7.14
CA CYS A 283 5.52 -15.29 -7.84
C CYS A 283 6.41 -14.91 -9.00
N PRO A 284 5.85 -14.53 -10.12
CA PRO A 284 6.59 -14.13 -11.32
C PRO A 284 7.64 -13.10 -10.97
N ASP A 285 7.38 -12.05 -10.21
CA ASP A 285 8.40 -11.10 -9.83
C ASP A 285 8.04 -10.38 -8.51
N SER A 286 8.65 -10.81 -7.43
CA SER A 286 8.43 -10.30 -6.09
C SER A 286 8.71 -8.82 -5.98
N THR A 287 9.64 -8.31 -6.79
CA THR A 287 10.06 -6.93 -6.78
C THR A 287 9.01 -6.02 -7.41
N LEU A 288 7.93 -6.54 -7.95
CA LEU A 288 6.86 -5.73 -8.46
C LEU A 288 5.59 -5.84 -7.59
N LEU A 289 5.66 -6.47 -6.44
CA LEU A 289 4.52 -6.54 -5.53
C LEU A 289 4.51 -5.34 -4.58
N GLY A 290 3.41 -5.07 -3.88
CA GLY A 290 3.32 -3.94 -2.96
C GLY A 290 3.17 -4.46 -1.54
N THR A 291 4.08 -4.08 -0.64
CA THR A 291 4.06 -4.64 0.69
C THR A 291 3.25 -3.69 1.60
N PHE A 292 2.50 -4.26 2.53
CA PHE A 292 1.71 -3.45 3.44
C PHE A 292 1.33 -4.21 4.67
N VAL A 293 0.98 -3.51 5.73
CA VAL A 293 0.45 -4.14 6.92
C VAL A 293 -0.87 -3.44 7.33
N GLU A 294 -1.24 -2.36 6.70
CA GLU A 294 -2.49 -1.67 7.09
C GLU A 294 -3.19 -1.17 5.83
N ASN A 295 -4.52 -1.15 5.87
CA ASN A 295 -5.28 -0.53 4.80
C ASN A 295 -6.72 -0.27 5.31
N HIS A 296 -7.58 0.13 4.40
CA HIS A 296 -8.97 0.51 4.72
C HIS A 296 -9.90 -0.70 4.76
N ASP A 297 -9.41 -1.93 4.58
CA ASP A 297 -10.27 -3.09 4.63
C ASP A 297 -9.92 -4.01 5.80
N ASN A 298 -9.05 -3.67 6.69
CA ASN A 298 -8.64 -4.50 7.83
C ASN A 298 -8.41 -3.65 9.06
N PRO A 299 -8.47 -4.17 10.28
CA PRO A 299 -8.23 -3.40 11.49
C PRO A 299 -6.80 -2.82 11.40
N ARG A 300 -6.54 -1.65 11.90
CA ARG A 300 -5.20 -1.04 11.93
C ARG A 300 -4.29 -1.84 12.82
N PHE A 301 -2.96 -1.74 12.64
CA PHE A 301 -2.05 -2.51 13.49
C PHE A 301 -2.24 -2.23 14.95
N ALA A 302 -2.38 -0.95 15.37
CA ALA A 302 -2.52 -0.62 16.79
C ALA A 302 -3.84 -1.09 17.45
N SER A 303 -4.83 -1.50 16.65
CA SER A 303 -6.04 -2.13 17.22
C SER A 303 -5.71 -3.52 17.77
N TYR A 304 -4.59 -4.13 17.29
CA TYR A 304 -4.14 -5.42 17.75
C TYR A 304 -3.20 -5.35 18.95
N THR A 305 -2.34 -4.37 19.03
CA THR A 305 -1.36 -4.16 20.08
C THR A 305 -0.97 -2.69 20.05
N ASN A 306 -0.94 -2.03 21.18
CA ASN A 306 -0.50 -0.64 21.29
C ASN A 306 1.01 -0.55 21.53
N ASP A 307 1.72 -1.65 21.42
CA ASP A 307 3.19 -1.63 21.68
C ASP A 307 3.93 -0.91 20.54
N ILE A 308 4.62 0.17 20.89
CA ILE A 308 5.27 0.99 19.89
C ILE A 308 6.50 0.36 19.25
N ALA A 309 7.23 -0.47 19.94
CA ALA A 309 8.38 -1.22 19.38
C ALA A 309 7.88 -2.20 18.33
N LEU A 310 6.81 -2.96 18.60
CA LEU A 310 6.26 -3.86 17.57
C LEU A 310 5.82 -3.02 16.35
N ALA A 311 5.23 -1.84 16.49
CA ALA A 311 4.82 -1.03 15.35
C ALA A 311 6.04 -0.51 14.55
N LYS A 312 7.15 -0.24 15.26
CA LYS A 312 8.38 0.20 14.58
C LYS A 312 8.93 -0.92 13.67
N ASN A 313 9.00 -2.12 14.19
CA ASN A 313 9.53 -3.24 13.45
C ASN A 313 8.68 -3.57 12.22
N VAL A 314 7.35 -3.53 12.36
CA VAL A 314 6.52 -3.91 11.19
C VAL A 314 6.65 -2.85 10.11
N ALA A 315 6.81 -1.58 10.49
CA ALA A 315 6.99 -0.50 9.52
C ALA A 315 8.36 -0.63 8.84
N ALA A 316 9.41 -1.00 9.53
CA ALA A 316 10.73 -1.20 8.94
C ALA A 316 10.66 -2.34 7.92
N PHE A 317 9.95 -3.43 8.22
CA PHE A 317 9.81 -4.56 7.29
C PHE A 317 9.24 -4.08 5.96
N ILE A 318 8.13 -3.34 6.11
CA ILE A 318 7.44 -2.88 4.90
C ILE A 318 8.39 -2.07 3.98
N ILE A 319 9.15 -1.12 4.56
CA ILE A 319 10.01 -0.34 3.66
C ILE A 319 11.14 -1.16 3.02
N LEU A 320 11.73 -2.11 3.78
CA LEU A 320 12.91 -2.83 3.36
C LEU A 320 12.69 -4.17 2.71
N ASN A 321 11.46 -4.62 2.59
CA ASN A 321 11.16 -5.89 1.90
C ASN A 321 11.33 -5.72 0.39
N ASP A 322 11.23 -6.82 -0.39
CA ASP A 322 11.21 -6.59 -1.84
C ASP A 322 9.94 -5.84 -2.20
N GLY A 323 9.93 -5.15 -3.32
CA GLY A 323 8.72 -4.55 -3.86
C GLY A 323 8.56 -3.10 -3.45
N ILE A 324 7.30 -2.65 -3.62
CA ILE A 324 7.10 -1.22 -3.30
C ILE A 324 6.47 -1.07 -1.92
N PRO A 325 7.07 -0.32 -1.03
CA PRO A 325 6.50 -0.04 0.30
C PRO A 325 5.19 0.72 0.23
N ILE A 326 4.17 0.36 1.05
CA ILE A 326 2.90 1.13 1.03
C ILE A 326 2.44 1.37 2.46
N ILE A 327 2.47 2.59 2.93
CA ILE A 327 2.01 2.92 4.28
C ILE A 327 0.61 3.60 4.18
N TYR A 328 -0.31 3.28 5.09
CA TYR A 328 -1.69 3.87 5.01
C TYR A 328 -1.79 5.05 5.97
N ALA A 329 -2.19 6.18 5.48
CA ALA A 329 -2.26 7.44 6.25
C ALA A 329 -2.88 7.20 7.61
N GLY A 330 -2.21 7.60 8.68
CA GLY A 330 -2.66 7.37 10.06
C GLY A 330 -1.77 6.34 10.72
N GLN A 331 -1.21 5.40 9.91
CA GLN A 331 -0.28 4.40 10.47
C GLN A 331 0.89 5.09 11.20
N GLU A 332 1.37 6.18 10.58
CA GLU A 332 2.53 6.90 11.11
C GLU A 332 2.12 7.69 12.34
N GLN A 333 0.80 7.86 12.56
CA GLN A 333 0.41 8.52 13.82
C GLN A 333 -0.09 7.49 14.83
N HIS A 334 0.09 6.21 14.61
CA HIS A 334 -0.28 5.17 15.54
C HIS A 334 -1.82 5.05 15.74
N TYR A 335 -2.60 5.33 14.74
CA TYR A 335 -4.06 5.17 14.76
C TYR A 335 -4.48 3.71 15.02
N ALA A 336 -5.59 3.58 15.77
CA ALA A 336 -6.02 2.24 16.20
C ALA A 336 -7.44 1.78 15.90
N GLY A 337 -8.09 2.35 14.90
CA GLY A 337 -9.47 1.96 14.59
C GLY A 337 -9.52 0.53 14.09
N GLY A 338 -10.66 -0.09 14.31
CA GLY A 338 -10.97 -1.47 13.93
C GLY A 338 -11.54 -1.55 12.54
N ASN A 339 -12.39 -2.54 12.27
CA ASN A 339 -12.92 -2.74 10.93
C ASN A 339 -13.82 -1.61 10.46
N ASP A 340 -13.86 -1.47 9.15
CA ASP A 340 -14.68 -0.51 8.41
C ASP A 340 -16.07 -0.30 9.06
N PRO A 341 -16.45 0.92 9.38
CA PRO A 341 -15.75 2.14 9.05
C PRO A 341 -14.73 2.71 9.99
N ALA A 342 -14.41 2.10 11.11
CA ALA A 342 -13.52 2.66 12.12
C ALA A 342 -12.04 2.82 11.70
N ASN A 343 -11.62 2.21 10.60
CA ASN A 343 -10.22 2.36 10.10
C ASN A 343 -10.12 3.41 9.00
N ARG A 344 -11.17 4.27 8.88
CA ARG A 344 -11.14 5.35 7.92
C ARG A 344 -10.97 6.72 8.62
N GLU A 345 -10.16 6.74 9.68
CA GLU A 345 -10.05 7.96 10.49
C GLU A 345 -9.42 9.12 9.68
N ALA A 346 -9.83 10.35 10.04
CA ALA A 346 -9.32 11.53 9.39
C ALA A 346 -7.90 11.81 9.92
N THR A 347 -6.96 11.88 8.97
CA THR A 347 -5.57 12.13 9.34
C THR A 347 -5.39 13.47 10.06
N TRP A 348 -6.17 14.48 9.69
CA TRP A 348 -5.99 15.84 10.22
C TRP A 348 -6.20 15.93 11.72
N LEU A 349 -6.98 15.01 12.29
CA LEU A 349 -7.25 15.05 13.72
C LEU A 349 -5.99 14.86 14.51
N SER A 350 -4.96 14.26 13.87
CA SER A 350 -3.69 14.06 14.61
C SER A 350 -2.95 15.38 14.80
N GLY A 351 -3.20 16.36 13.95
CA GLY A 351 -2.44 17.64 14.03
C GLY A 351 -1.17 17.51 13.17
N TYR A 352 -1.02 16.40 12.46
CA TYR A 352 0.14 16.20 11.57
C TYR A 352 1.51 16.46 12.19
N PRO A 353 1.78 16.00 13.39
CA PRO A 353 3.06 16.13 14.07
C PRO A 353 4.19 15.40 13.33
N THR A 354 5.32 16.09 13.05
CA THR A 354 6.45 15.48 12.36
C THR A 354 7.49 14.95 13.33
N ASP A 355 7.15 14.92 14.59
CA ASP A 355 8.06 14.41 15.61
C ASP A 355 7.46 13.24 16.36
N SER A 356 6.40 12.67 15.78
CA SER A 356 5.85 11.43 16.33
C SER A 356 6.86 10.32 16.12
N GLU A 357 6.80 9.28 16.96
CA GLU A 357 7.70 8.16 16.93
C GLU A 357 7.72 7.41 15.61
N LEU A 358 6.55 7.10 15.06
CA LEU A 358 6.60 6.38 13.77
C LEU A 358 6.94 7.31 12.61
N TYR A 359 6.64 8.58 12.63
CA TYR A 359 6.96 9.53 11.57
C TYR A 359 8.52 9.46 11.44
N LYS A 360 9.24 9.54 12.55
CA LYS A 360 10.71 9.49 12.56
C LYS A 360 11.28 8.16 12.07
N LEU A 361 10.75 7.05 12.57
CA LEU A 361 11.21 5.72 12.13
C LEU A 361 11.05 5.57 10.64
N ILE A 362 9.86 5.88 10.12
CA ILE A 362 9.59 5.79 8.71
C ILE A 362 10.56 6.66 7.89
N ALA A 363 10.75 7.89 8.37
CA ALA A 363 11.65 8.82 7.68
C ALA A 363 13.05 8.24 7.63
N SER A 364 13.51 7.62 8.71
CA SER A 364 14.87 7.07 8.72
C SER A 364 14.99 5.85 7.83
N ALA A 365 13.98 4.99 7.77
CA ALA A 365 13.98 3.78 6.97
C ALA A 365 13.89 4.18 5.51
N ASN A 366 13.00 5.11 5.19
CA ASN A 366 12.93 5.50 3.77
C ASN A 366 14.26 6.20 3.32
N ALA A 367 14.89 6.94 4.22
CA ALA A 367 16.15 7.63 3.93
C ALA A 367 17.25 6.64 3.51
N ILE A 368 17.46 5.57 4.25
CA ILE A 368 18.48 4.60 3.86
C ILE A 368 18.05 3.88 2.59
N ARG A 369 16.75 3.55 2.47
CA ARG A 369 16.35 2.89 1.20
C ARG A 369 16.63 3.78 -0.01
N ASN A 370 16.23 5.05 0.09
CA ASN A 370 16.40 5.97 -1.04
C ASN A 370 17.90 6.14 -1.34
N TYR A 371 18.70 6.22 -0.28
CA TYR A 371 20.16 6.44 -0.52
C TYR A 371 20.79 5.22 -1.15
N ALA A 372 20.40 4.03 -0.64
CA ALA A 372 21.00 2.81 -1.19
C ALA A 372 20.73 2.62 -2.67
N ILE A 373 19.48 2.87 -3.12
CA ILE A 373 19.20 2.64 -4.53
C ILE A 373 19.96 3.69 -5.36
N SER A 374 20.24 4.84 -4.80
CA SER A 374 21.05 5.90 -5.44
C SER A 374 22.45 5.36 -5.78
N LYS A 375 22.95 4.45 -4.95
CA LYS A 375 24.28 3.91 -5.07
C LYS A 375 24.40 2.50 -5.61
N ASP A 376 23.32 1.74 -5.65
CA ASP A 376 23.39 0.34 -6.05
C ASP A 376 22.23 0.05 -7.00
N THR A 377 22.51 0.07 -8.29
CA THR A 377 21.53 -0.18 -9.32
C THR A 377 20.99 -1.60 -9.22
N GLY A 378 21.54 -2.44 -8.35
CA GLY A 378 20.98 -3.79 -8.24
C GLY A 378 20.10 -3.95 -7.00
N PHE A 379 20.02 -2.87 -6.18
CA PHE A 379 19.25 -3.04 -4.94
C PHE A 379 17.82 -3.49 -5.25
N VAL A 380 17.14 -2.76 -6.16
CA VAL A 380 15.74 -3.14 -6.38
C VAL A 380 15.52 -4.49 -7.04
N THR A 381 16.48 -5.05 -7.78
CA THR A 381 16.23 -6.38 -8.40
C THR A 381 16.94 -7.46 -7.64
N TYR A 382 17.73 -7.15 -6.62
CA TYR A 382 18.26 -8.21 -5.73
C TYR A 382 17.13 -8.77 -4.87
N LYS A 383 16.78 -10.03 -4.85
CA LYS A 383 15.69 -10.63 -4.08
C LYS A 383 15.97 -10.77 -2.59
N ASN A 384 15.17 -10.12 -1.77
CA ASN A 384 15.38 -10.16 -0.31
C ASN A 384 15.56 -11.55 0.21
N TRP A 385 16.55 -11.77 1.10
CA TRP A 385 16.83 -13.12 1.57
C TRP A 385 16.88 -13.13 3.08
N PRO A 386 16.12 -13.95 3.76
CA PRO A 386 16.14 -14.05 5.21
C PRO A 386 17.40 -14.82 5.56
N ILE A 387 18.34 -14.28 6.37
CA ILE A 387 19.56 -15.06 6.62
C ILE A 387 19.63 -15.71 7.98
N TYR A 388 18.65 -15.40 8.83
CA TYR A 388 18.68 -15.88 10.20
C TYR A 388 17.29 -15.72 10.86
N LYS A 389 16.93 -16.62 11.76
CA LYS A 389 15.73 -16.45 12.54
C LYS A 389 15.89 -17.20 13.86
N ASP A 390 15.18 -16.68 14.85
CA ASP A 390 15.13 -17.41 16.13
C ASP A 390 13.70 -17.21 16.61
N ASP A 391 13.30 -17.59 17.80
CA ASP A 391 11.94 -17.42 18.25
C ASP A 391 11.44 -16.00 18.28
N THR A 392 12.30 -15.01 18.47
CA THR A 392 11.80 -13.65 18.56
C THR A 392 12.50 -12.73 17.56
N THR A 393 13.20 -13.31 16.58
CA THR A 393 14.00 -12.44 15.70
C THR A 393 13.96 -12.90 14.27
N ILE A 394 14.06 -12.00 13.31
CA ILE A 394 14.27 -12.36 11.91
C ILE A 394 15.26 -11.29 11.38
N ALA A 395 16.20 -11.71 10.57
CA ALA A 395 17.14 -10.81 9.91
C ALA A 395 17.19 -11.12 8.42
N MET A 396 17.31 -10.07 7.62
CA MET A 396 17.31 -10.20 6.19
C MET A 396 18.40 -9.37 5.49
N ARG A 397 18.70 -9.79 4.27
CA ARG A 397 19.74 -9.13 3.47
C ARG A 397 19.29 -8.85 2.06
N LYS A 398 19.51 -7.61 1.68
CA LYS A 398 19.19 -7.13 0.35
C LYS A 398 20.19 -6.10 -0.16
N GLY A 399 20.60 -6.19 -1.41
CA GLY A 399 21.56 -5.27 -2.02
C GLY A 399 22.75 -6.06 -2.61
N THR A 400 23.41 -5.51 -3.63
CA THR A 400 24.57 -6.14 -4.26
C THR A 400 25.69 -6.43 -3.24
N ASP A 401 26.29 -7.63 -3.30
CA ASP A 401 27.38 -7.93 -2.33
C ASP A 401 28.33 -6.73 -2.21
N GLY A 402 28.68 -6.35 -1.01
CA GLY A 402 29.54 -5.22 -0.72
C GLY A 402 28.79 -3.96 -0.34
N SER A 403 27.53 -3.85 -0.76
CA SER A 403 26.70 -2.71 -0.45
C SER A 403 25.37 -3.07 0.21
N GLN A 404 25.24 -4.27 0.73
CA GLN A 404 24.01 -4.81 1.24
C GLN A 404 23.54 -4.10 2.52
N ILE A 405 22.19 -4.03 2.58
CA ILE A 405 21.56 -3.57 3.84
C ILE A 405 21.21 -4.85 4.62
N VAL A 406 21.46 -4.94 5.89
CA VAL A 406 21.11 -6.08 6.74
C VAL A 406 20.15 -5.54 7.82
N THR A 407 18.92 -6.06 7.85
CA THR A 407 17.90 -5.52 8.78
C THR A 407 17.56 -6.58 9.83
N ILE A 408 17.59 -6.20 11.10
CA ILE A 408 17.37 -7.17 12.16
C ILE A 408 16.07 -6.76 12.91
N LEU A 409 15.05 -7.60 12.75
CA LEU A 409 13.73 -7.27 13.34
C LEU A 409 13.35 -8.14 14.53
N SER A 410 12.65 -7.55 15.51
CA SER A 410 12.37 -8.31 16.73
C SER A 410 10.89 -8.19 17.17
N ASN A 411 10.37 -9.26 17.81
CA ASN A 411 8.98 -9.13 18.33
C ASN A 411 8.98 -9.21 19.85
N LYS A 412 10.11 -8.90 20.47
CA LYS A 412 10.18 -8.89 21.93
C LYS A 412 9.34 -7.75 22.52
N GLY A 413 9.13 -6.63 21.80
CA GLY A 413 8.31 -5.59 22.40
C GLY A 413 9.09 -4.56 23.18
N ALA A 414 8.38 -3.55 23.61
CA ALA A 414 8.98 -2.40 24.26
C ALA A 414 9.60 -2.79 25.59
N SER A 415 9.28 -3.96 26.12
CA SER A 415 9.91 -4.37 27.38
C SER A 415 11.13 -5.26 27.16
N GLY A 416 11.42 -5.55 25.89
CA GLY A 416 12.49 -6.47 25.57
C GLY A 416 13.80 -6.19 26.33
N ASP A 417 14.44 -7.24 26.79
CA ASP A 417 15.69 -7.14 27.56
C ASP A 417 16.87 -6.74 26.66
N SER A 418 17.97 -6.33 27.29
CA SER A 418 19.13 -5.85 26.49
C SER A 418 20.16 -6.95 26.42
N TYR A 419 20.68 -7.25 25.24
CA TYR A 419 21.60 -8.36 25.01
C TYR A 419 22.34 -8.15 23.71
N THR A 420 23.27 -9.02 23.34
CA THR A 420 24.10 -8.87 22.16
C THR A 420 23.79 -10.05 21.24
N LEU A 421 23.40 -9.73 20.01
CA LEU A 421 23.08 -10.88 19.13
C LEU A 421 24.35 -11.10 18.31
N SER A 422 24.92 -12.27 18.20
CA SER A 422 26.08 -12.38 17.29
C SER A 422 25.54 -12.91 15.97
N LEU A 423 25.43 -12.04 14.99
CA LEU A 423 24.79 -12.42 13.74
C LEU A 423 25.77 -12.94 12.69
N SER A 424 25.54 -14.12 12.15
CA SER A 424 26.37 -14.67 11.09
C SER A 424 25.56 -14.56 9.80
N GLY A 425 26.23 -14.58 8.66
CA GLY A 425 25.59 -14.60 7.37
C GLY A 425 25.41 -13.26 6.70
N ALA A 426 25.84 -12.18 7.33
CA ALA A 426 25.67 -10.82 6.84
C ALA A 426 26.47 -10.51 5.59
N GLY A 427 27.62 -11.12 5.39
CA GLY A 427 28.37 -10.96 4.15
C GLY A 427 29.32 -9.77 4.18
N TYR A 428 29.55 -9.16 5.32
CA TYR A 428 30.48 -8.03 5.40
C TYR A 428 31.88 -8.57 5.74
N THR A 429 32.93 -7.82 5.43
CA THR A 429 34.27 -8.34 5.74
C THR A 429 34.77 -7.97 7.11
N ALA A 430 35.72 -8.80 7.55
CA ALA A 430 36.34 -8.64 8.86
C ALA A 430 36.97 -7.26 9.07
N GLY A 431 36.63 -6.68 10.22
CA GLY A 431 37.06 -5.35 10.61
C GLY A 431 36.26 -4.23 9.98
N GLN A 432 35.29 -4.52 9.10
CA GLN A 432 34.52 -3.43 8.48
C GLN A 432 33.67 -2.66 9.50
N GLN A 433 33.59 -1.33 9.36
CA GLN A 433 32.74 -0.56 10.29
C GLN A 433 31.33 -0.45 9.68
N LEU A 434 30.31 -0.59 10.51
CA LEU A 434 28.94 -0.47 9.98
C LEU A 434 28.17 0.57 10.80
N THR A 435 27.23 1.24 10.12
CA THR A 435 26.40 2.19 10.86
C THR A 435 25.00 1.58 11.05
N GLU A 436 24.44 1.70 12.27
CA GLU A 436 23.07 1.23 12.52
C GLU A 436 22.27 2.49 12.25
N VAL A 437 21.62 2.53 11.09
CA VAL A 437 21.03 3.80 10.66
C VAL A 437 19.75 4.30 11.30
N ILE A 438 19.12 3.52 12.15
CA ILE A 438 17.91 3.95 12.84
C ILE A 438 18.31 4.74 14.05
N GLY A 439 19.18 4.23 14.91
CA GLY A 439 19.62 4.93 16.10
C GLY A 439 20.94 5.68 15.96
N CYS A 440 21.57 5.58 14.79
CA CYS A 440 22.81 6.21 14.40
C CYS A 440 24.03 5.89 15.28
N THR A 441 24.30 4.61 15.50
CA THR A 441 25.48 4.20 16.26
C THR A 441 26.35 3.32 15.37
N THR A 442 27.60 2.98 15.81
CA THR A 442 28.43 2.15 14.97
C THR A 442 28.74 0.81 15.55
N VAL A 443 28.93 -0.18 14.65
CA VAL A 443 29.29 -1.51 15.10
C VAL A 443 30.45 -1.98 14.22
N THR A 444 31.31 -2.84 14.73
CA THR A 444 32.45 -3.35 13.96
C THR A 444 32.33 -4.85 13.74
N VAL A 445 32.48 -5.32 12.51
CA VAL A 445 32.47 -6.73 12.19
C VAL A 445 33.66 -7.46 12.82
N GLY A 446 33.39 -8.55 13.54
CA GLY A 446 34.39 -9.36 14.18
C GLY A 446 35.29 -10.06 13.18
N SER A 447 36.43 -10.56 13.68
CA SER A 447 37.42 -11.20 12.82
C SER A 447 36.93 -12.45 12.11
N ASP A 448 35.88 -13.12 12.56
CA ASP A 448 35.34 -14.29 11.88
C ASP A 448 34.18 -13.94 10.94
N GLY A 449 33.95 -12.64 10.75
CA GLY A 449 32.86 -12.19 9.90
C GLY A 449 31.51 -12.08 10.61
N ASN A 450 31.44 -12.28 11.91
CA ASN A 450 30.17 -12.14 12.62
C ASN A 450 29.94 -10.73 13.18
N VAL A 451 28.69 -10.28 13.27
CA VAL A 451 28.36 -8.94 13.73
C VAL A 451 27.70 -8.96 15.10
N PRO A 452 28.30 -8.31 16.07
CA PRO A 452 27.81 -8.19 17.42
C PRO A 452 26.79 -7.04 17.49
N VAL A 453 25.50 -7.37 17.37
CA VAL A 453 24.45 -6.34 17.31
C VAL A 453 23.84 -6.10 18.66
N PRO A 454 23.92 -4.92 19.22
CA PRO A 454 23.35 -4.58 20.51
C PRO A 454 21.82 -4.57 20.41
N MET A 455 21.12 -5.42 21.16
CA MET A 455 19.63 -5.47 21.09
C MET A 455 19.05 -4.90 22.39
N ALA A 456 17.95 -4.19 22.38
CA ALA A 456 17.34 -3.58 23.56
C ALA A 456 16.03 -2.89 23.20
N GLY A 457 15.06 -2.82 24.12
CA GLY A 457 13.78 -2.17 23.83
C GLY A 457 13.00 -2.78 22.68
N GLY A 458 13.30 -4.00 22.25
CA GLY A 458 12.62 -4.61 21.11
C GLY A 458 12.82 -3.80 19.84
N LEU A 459 13.82 -2.93 19.78
CA LEU A 459 13.99 -2.09 18.58
C LEU A 459 14.56 -2.78 17.35
N PRO A 460 14.13 -2.40 16.18
CA PRO A 460 14.69 -2.85 14.89
C PRO A 460 16.06 -2.18 14.65
N ARG A 461 16.97 -2.89 14.03
CA ARG A 461 18.32 -2.46 13.71
C ARG A 461 18.58 -2.64 12.22
N VAL A 462 19.07 -1.59 11.55
CA VAL A 462 19.28 -1.59 10.09
C VAL A 462 20.75 -1.24 9.80
N LEU A 463 21.54 -2.14 9.28
CA LEU A 463 22.98 -1.96 9.10
C LEU A 463 23.41 -1.70 7.66
N TYR A 464 24.39 -0.82 7.52
CA TYR A 464 24.97 -0.46 6.21
C TYR A 464 26.43 0.04 6.42
N PRO A 465 27.28 -0.26 5.47
CA PRO A 465 28.70 0.12 5.51
C PRO A 465 28.93 1.61 5.69
N THR A 466 29.66 1.94 6.76
CA THR A 466 29.96 3.29 7.12
C THR A 466 30.66 4.03 5.98
N GLU A 467 31.64 3.40 5.35
CA GLU A 467 32.40 3.99 4.26
C GLU A 467 31.44 4.40 3.15
N LYS A 468 30.38 3.61 2.90
CA LYS A 468 29.46 3.98 1.83
C LYS A 468 28.54 5.14 2.13
N LEU A 469 28.43 5.57 3.36
CA LEU A 469 27.54 6.68 3.72
C LEU A 469 28.24 8.03 3.45
N ALA A 470 29.46 7.92 2.92
CA ALA A 470 30.28 9.08 2.62
C ALA A 470 29.55 10.09 1.76
N GLY A 471 29.50 11.33 2.25
CA GLY A 471 28.87 12.38 1.47
C GLY A 471 27.36 12.39 1.65
N SER A 472 26.80 11.43 2.38
CA SER A 472 25.35 11.42 2.59
C SER A 472 25.05 12.26 3.85
N LYS A 473 23.77 12.51 4.09
CA LYS A 473 23.43 13.26 5.30
C LYS A 473 22.92 12.34 6.39
N ILE A 474 23.02 11.04 6.17
CA ILE A 474 22.47 10.09 7.16
C ILE A 474 23.37 9.99 8.37
N CYS A 475 22.85 10.09 9.59
CA CYS A 475 23.70 9.91 10.77
C CYS A 475 24.93 10.83 10.70
N SER A 476 24.73 11.99 10.10
CA SER A 476 25.80 12.98 9.90
C SER A 476 26.51 13.38 11.19
C1G ABC B . -19.97 -1.32 2.65
C2G ABC B . -20.09 -0.32 3.77
C3G ABC B . -19.62 -0.85 5.09
C4G ABC B . -20.37 -2.18 5.40
C5G ABC B . -20.15 -3.15 4.22
C6G ABC B . -21.07 -4.40 4.26
O5G ABC B . -20.58 -2.52 3.01
O2G ABC B . -19.55 0.97 3.61
O3G ABC B . -19.72 0.09 6.15
O4G ABC B . -19.83 -2.80 6.57
C1H ABC B . -16.10 -0.38 -0.76
C2H ABC B . -16.06 0.46 0.51
C3H ABC B . -16.57 -0.33 1.72
C4H ABC B . -17.97 -0.91 1.31
C5H ABC B . -17.82 -1.80 0.08
C6H ABC B . -19.09 -2.49 -0.41
O5H ABC B . -17.40 -0.94 -0.97
O2H ABC B . -14.69 0.79 0.85
O3H ABC B . -16.82 0.58 2.80
O4H ABC B . -18.60 -1.63 2.35
O6H ABC B . -20.13 -1.53 -0.63
C1I ABC B . -11.95 -3.66 -2.47
C2I ABC B . -11.64 -2.30 -1.79
C3I ABC B . -12.72 -1.94 -0.76
C4I ABC B . -14.05 -1.54 -1.54
C5I ABC B . -14.29 -2.62 -2.58
C6I ABC B . -15.55 -2.43 -3.43
C7I ABC B . -13.41 -3.56 -2.93
O2I ABC B . -10.36 -2.23 -1.17
O3I ABC B . -12.34 -0.76 0.03
O4I ABC B . -15.15 -1.44 -0.61
O6I ABC B . -15.18 -1.51 -4.49
C1J ABC B . -13.95 -8.53 -0.85
C2J ABC B . -13.36 -8.17 -2.22
C3J ABC B . -12.31 -7.08 -2.20
C4J ABC B . -12.80 -5.86 -1.36
C5J ABC B . -13.13 -6.42 0.05
C6J ABC B . -13.65 -5.34 1.04
O5J ABC B . -14.19 -7.38 -0.10
O2J ABC B . -12.71 -9.31 -2.79
O3J ABC B . -12.11 -6.65 -3.57
N1J ABC B . -11.90 -4.69 -1.37
C1K ABC B . -12.66 -12.80 1.95
C2K ABC B . -12.99 -12.97 0.47
C3K ABC B . -12.56 -11.71 -0.24
C4K ABC B . -13.27 -10.49 0.43
C5K ABC B . -12.91 -10.41 1.92
C6K ABC B . -13.82 -9.42 2.68
O5K ABC B . -13.26 -11.65 2.48
O2K ABC B . -12.09 -13.91 -0.13
O3K ABC B . -12.87 -11.72 -1.59
O4K ABC B . -12.93 -9.28 -0.20
O6K ABC B . -13.34 -9.40 4.01
C1L ABC B . -8.11 -14.42 4.11
C2L ABC B . -8.46 -15.12 2.82
C3L ABC B . -9.26 -14.19 1.93
C4L ABC B . -10.45 -13.58 2.74
C5L ABC B . -9.94 -12.92 4.03
C6L ABC B . -11.08 -12.52 4.99
O5L ABC B . -9.31 -13.98 4.76
O2L ABC B . -7.41 -15.65 2.04
O3L ABC B . -9.86 -14.90 0.84
O4L ABC B . -11.23 -12.65 2.03
O1L ABC B . -7.51 -15.32 5.04
CA CA C . -17.64 -9.10 -11.90
#